data_5E6A
#
_entry.id   5E6A
#
_cell.length_a   39.993
_cell.length_b   95.497
_cell.length_c   103.634
_cell.angle_alpha   90.00
_cell.angle_beta   90.00
_cell.angle_gamma   90.00
#
_symmetry.space_group_name_H-M   'P 21 21 21'
#
loop_
_entity.id
_entity.type
_entity.pdbx_description
1 polymer 'Glucocorticoid receptor'
2 polymer "DNA (5'-D(*CP*TP*GP*GP*GP*AP*AP*TP*TP*TP*CP*CP*TP*GP*AP*T)-3')"
3 polymer "DNA (5'-D(*AP*TP*CP*AP*GP*GP*AP*AP*AP*TP*TP*CP*CP*CP*AP*G)-3')"
4 non-polymer 'ZINC ION'
5 water water
#
loop_
_entity_poly.entity_id
_entity_poly.type
_entity_poly.pdbx_seq_one_letter_code
_entity_poly.pdbx_strand_id
1 'polypeptide(L)'
;MHHHHHHSSGVDLGTENLYFQSNAPPKLCLVCSDEASGCHYGVLTCGSCKVFFKRAVEGQHNYLCAGRNDCIIDKIRRKN
CPACRYRKCLQAGMNLEARKTKKKIKGIQQATTG
;
A,B
2 'polydeoxyribonucleotide' (DC)(DT)(DG)(DG)(DG)(DA)(DA)(DT)(DT)(DT)(DC)(DC)(DT)(DG)(DA)(DT) C
3 'polydeoxyribonucleotide' (DA)(DT)(DC)(DA)(DG)(DG)(DA)(DA)(DA)(DT)(DT)(DC)(DC)(DC)(DA)(DG) D
#
loop_
_chem_comp.id
_chem_comp.type
_chem_comp.name
_chem_comp.formula
DA DNA linking 2'-DEOXYADENOSINE-5'-MONOPHOSPHATE 'C10 H14 N5 O6 P'
DC DNA linking 2'-DEOXYCYTIDINE-5'-MONOPHOSPHATE 'C9 H14 N3 O7 P'
DG DNA linking 2'-DEOXYGUANOSINE-5'-MONOPHOSPHATE 'C10 H14 N5 O7 P'
DT DNA linking THYMIDINE-5'-MONOPHOSPHATE 'C10 H15 N2 O8 P'
ZN non-polymer 'ZINC ION' 'Zn 2'
#
# COMPACT_ATOMS: atom_id res chain seq x y z
N PRO A 26 -0.69 30.40 0.29
CA PRO A 26 -0.49 28.97 0.56
C PRO A 26 -0.31 28.14 -0.71
N LYS A 27 0.31 26.99 -0.56
CA LYS A 27 0.48 25.98 -1.61
C LYS A 27 0.84 24.68 -0.89
N LEU A 28 1.29 23.66 -1.62
CA LEU A 28 1.75 22.43 -0.95
C LEU A 28 0.67 21.70 -0.16
N CYS A 29 -0.05 20.82 -0.87
CA CYS A 29 -1.19 20.07 -0.33
C CYS A 29 -0.97 19.50 1.07
N LEU A 30 -1.97 19.69 1.93
CA LEU A 30 -1.85 19.38 3.35
C LEU A 30 -1.85 17.89 3.63
N VAL A 31 -2.15 17.08 2.62
CA VAL A 31 -2.18 15.63 2.80
C VAL A 31 -0.86 14.98 2.40
N CYS A 32 -0.52 15.05 1.12
CA CYS A 32 0.69 14.40 0.62
C CYS A 32 1.90 15.34 0.40
N SER A 33 1.73 16.63 0.67
CA SER A 33 2.79 17.64 0.50
C SER A 33 3.14 17.95 -0.96
N ASP A 34 2.49 17.27 -1.91
CA ASP A 34 2.65 17.58 -3.33
C ASP A 34 2.07 18.96 -3.60
N GLU A 35 2.44 19.56 -4.73
CA GLU A 35 1.95 20.89 -5.09
C GLU A 35 0.42 20.92 -5.13
N ALA A 36 -0.17 21.86 -4.39
CA ALA A 36 -1.62 21.96 -4.30
C ALA A 36 -2.21 22.72 -5.48
N SER A 37 -3.36 22.25 -5.97
CA SER A 37 -4.04 22.89 -7.09
C SER A 37 -5.15 23.84 -6.63
N GLY A 38 -5.40 23.90 -5.33
CA GLY A 38 -6.43 24.79 -4.81
C GLY A 38 -7.11 24.29 -3.55
N CYS A 39 -8.23 24.90 -3.19
CA CYS A 39 -8.98 24.51 -2.00
C CYS A 39 -10.06 23.50 -2.38
N HIS A 40 -9.89 22.25 -1.94
CA HIS A 40 -10.80 21.18 -2.32
C HIS A 40 -11.45 20.54 -1.10
N TYR A 41 -12.78 20.57 -1.08
CA TYR A 41 -13.57 20.05 0.03
C TYR A 41 -13.13 20.67 1.37
N GLY A 42 -12.82 21.96 1.32
CA GLY A 42 -12.51 22.73 2.51
C GLY A 42 -11.03 22.83 2.85
N VAL A 43 -10.20 22.10 2.12
CA VAL A 43 -8.78 22.01 2.44
C VAL A 43 -7.92 22.21 1.20
N LEU A 44 -6.77 22.86 1.37
CA LEU A 44 -5.81 22.99 0.28
C LEU A 44 -5.20 21.63 -0.03
N THR A 45 -5.39 21.16 -1.26
CA THR A 45 -4.93 19.83 -1.67
C THR A 45 -4.50 19.79 -3.13
N CYS A 46 -3.76 18.74 -3.48
CA CYS A 46 -3.46 18.41 -4.87
C CYS A 46 -4.69 17.80 -5.52
N GLY A 47 -4.70 17.76 -6.85
CA GLY A 47 -5.79 17.13 -7.59
C GLY A 47 -5.99 15.66 -7.25
N SER A 48 -4.90 14.93 -7.02
CA SER A 48 -4.98 13.50 -6.78
C SER A 48 -5.67 13.19 -5.45
N CYS A 49 -5.36 13.97 -4.42
CA CYS A 49 -5.98 13.78 -3.12
C CYS A 49 -7.44 14.22 -3.13
N LYS A 50 -7.77 15.14 -4.02
CA LYS A 50 -9.14 15.60 -4.19
C LYS A 50 -10.05 14.46 -4.62
N VAL A 51 -9.68 13.79 -5.71
CA VAL A 51 -10.49 12.70 -6.23
C VAL A 51 -10.38 11.45 -5.37
N PHE A 52 -9.25 11.28 -4.68
CA PHE A 52 -9.09 10.17 -3.74
C PHE A 52 -10.12 10.28 -2.62
N PHE A 53 -10.23 11.47 -2.03
CA PHE A 53 -11.15 11.68 -0.93
C PHE A 53 -12.60 11.48 -1.38
N LYS A 54 -12.92 12.01 -2.56
CA LYS A 54 -14.26 11.85 -3.13
C LYS A 54 -14.61 10.37 -3.28
N ARG A 55 -13.68 9.60 -3.84
CA ARG A 55 -13.88 8.15 -3.99
C ARG A 55 -14.04 7.46 -2.64
N ALA A 56 -13.14 7.77 -1.71
CA ALA A 56 -13.11 7.12 -0.41
C ALA A 56 -14.37 7.39 0.39
N VAL A 57 -14.86 8.63 0.32
CA VAL A 57 -16.00 9.04 1.13
C VAL A 57 -17.32 8.54 0.55
N GLU A 58 -17.39 8.38 -0.77
CA GLU A 58 -18.58 7.86 -1.41
C GLU A 58 -18.63 6.34 -1.30
N GLY A 59 -17.45 5.73 -1.32
CA GLY A 59 -17.37 4.30 -1.10
C GLY A 59 -17.49 4.00 0.37
N GLN A 60 -17.27 2.74 0.73
CA GLN A 60 -17.30 2.33 2.13
C GLN A 60 -15.92 2.31 2.81
N HIS A 61 -14.86 2.80 2.14
CA HIS A 61 -13.52 2.91 2.81
C HIS A 61 -13.12 1.66 3.54
N ASN A 62 -12.89 0.57 2.83
CA ASN A 62 -12.63 -0.65 3.56
C ASN A 62 -11.26 -0.64 4.24
N TYR A 63 -10.47 0.41 4.01
CA TYR A 63 -9.00 0.39 4.17
C TYR A 63 -8.43 -0.16 5.50
N LEU A 64 -7.39 -0.97 5.36
CA LEU A 64 -6.61 -1.47 6.50
C LEU A 64 -5.14 -1.07 6.35
N CYS A 65 -4.57 -0.52 7.41
CA CYS A 65 -3.15 -0.19 7.41
C CYS A 65 -2.32 -1.43 7.76
N ALA A 66 -1.30 -1.70 6.96
CA ALA A 66 -0.41 -2.83 7.21
C ALA A 66 0.66 -2.45 8.24
N GLY A 67 0.74 -1.14 8.52
CA GLY A 67 1.66 -0.61 9.50
C GLY A 67 1.02 -0.27 10.83
N ARG A 68 1.54 0.77 11.46
CA ARG A 68 1.09 1.25 12.77
C ARG A 68 0.10 2.42 12.69
N ASN A 69 -0.40 2.70 11.49
CA ASN A 69 -1.26 3.84 11.17
C ASN A 69 -0.53 5.18 11.30
N ASP A 70 0.79 5.14 11.29
CA ASP A 70 1.62 6.35 11.19
C ASP A 70 2.28 6.56 9.82
N CYS A 71 1.87 5.79 8.80
CA CYS A 71 2.55 5.79 7.49
C CYS A 71 2.81 7.17 6.92
N ILE A 72 4.00 7.34 6.33
CA ILE A 72 4.34 8.58 5.64
C ILE A 72 3.57 8.69 4.34
N ILE A 73 2.86 9.80 4.16
CA ILE A 73 2.09 10.02 2.95
C ILE A 73 2.67 11.20 2.16
N ASP A 74 3.28 10.87 1.02
CA ASP A 74 3.81 11.89 0.13
C ASP A 74 3.62 11.43 -1.32
N LYS A 75 4.17 12.19 -2.26
CA LYS A 75 3.99 11.91 -3.68
C LYS A 75 4.40 10.47 -4.04
N ILE A 76 5.44 9.98 -3.39
CA ILE A 76 5.93 8.62 -3.64
C ILE A 76 5.10 7.53 -2.97
N ARG A 77 4.78 7.73 -1.69
CA ARG A 77 4.21 6.68 -0.86
C ARG A 77 2.69 6.72 -0.67
N ARG A 78 2.01 7.74 -1.21
CA ARG A 78 0.58 7.91 -0.94
C ARG A 78 -0.27 6.76 -1.49
N LYS A 79 0.22 6.08 -2.51
CA LYS A 79 -0.49 4.94 -3.09
C LYS A 79 -0.47 3.74 -2.15
N ASN A 80 0.58 3.63 -1.35
CA ASN A 80 0.79 2.48 -0.48
C ASN A 80 -0.32 2.25 0.54
N CYS A 81 -0.74 3.32 1.21
CA CYS A 81 -1.67 3.17 2.31
C CYS A 81 -2.83 4.16 2.25
N PRO A 82 -3.92 3.78 1.55
CA PRO A 82 -5.14 4.58 1.52
C PRO A 82 -5.75 4.77 2.91
N ALA A 83 -5.46 3.85 3.83
CA ALA A 83 -5.94 3.96 5.21
C ALA A 83 -5.39 5.21 5.88
N CYS A 84 -4.08 5.37 5.84
CA CYS A 84 -3.43 6.53 6.43
C CYS A 84 -3.69 7.79 5.62
N ARG A 85 -3.88 7.65 4.31
CA ARG A 85 -4.16 8.80 3.45
C ARG A 85 -5.55 9.35 3.74
N TYR A 86 -6.51 8.46 3.93
CA TYR A 86 -7.88 8.87 4.25
C TYR A 86 -7.93 9.50 5.64
N ARG A 87 -7.15 8.96 6.57
CA ARG A 87 -7.06 9.52 7.90
C ARG A 87 -6.54 10.95 7.86
N LYS A 88 -5.49 11.18 7.09
CA LYS A 88 -4.91 12.51 6.94
C LYS A 88 -5.86 13.47 6.22
N CYS A 89 -6.72 12.93 5.37
CA CYS A 89 -7.75 13.74 4.72
C CYS A 89 -8.74 14.27 5.76
N LEU A 90 -9.19 13.38 6.64
CA LEU A 90 -10.15 13.73 7.68
C LEU A 90 -9.53 14.66 8.73
N GLN A 91 -8.31 14.33 9.14
CA GLN A 91 -7.60 15.15 10.14
C GLN A 91 -7.39 16.57 9.62
N ALA A 92 -7.21 16.70 8.31
CA ALA A 92 -7.00 18.01 7.70
C ALA A 92 -8.32 18.78 7.61
N GLY A 93 -9.44 18.08 7.79
CA GLY A 93 -10.74 18.72 7.81
C GLY A 93 -11.54 18.62 6.53
N MET A 94 -11.14 17.72 5.62
CA MET A 94 -11.87 17.54 4.36
C MET A 94 -13.28 17.01 4.60
N ASN A 95 -14.26 17.63 3.94
CA ASN A 95 -15.65 17.24 4.07
C ASN A 95 -16.44 17.61 2.81
N LEU A 96 -17.46 16.83 2.48
CA LEU A 96 -18.13 16.93 1.17
C LEU A 96 -18.95 18.20 0.98
N GLU A 97 -19.56 18.69 2.05
CA GLU A 97 -20.51 19.79 1.94
C GLU A 97 -19.78 21.13 2.05
N ALA A 98 -18.45 21.08 2.17
CA ALA A 98 -17.65 22.30 2.22
C ALA A 98 -17.46 22.92 0.84
N PRO D 26 -4.55 -27.64 5.22
CA PRO D 26 -3.80 -27.61 6.48
C PRO D 26 -2.35 -27.13 6.33
N LYS D 27 -2.08 -26.33 5.31
CA LYS D 27 -0.79 -25.61 5.23
C LYS D 27 -0.91 -24.32 4.42
N LEU D 28 -0.03 -23.37 4.71
CA LEU D 28 -0.20 -21.99 4.27
C LEU D 28 1.00 -21.42 3.52
N CYS D 29 0.76 -20.34 2.78
CA CYS D 29 1.81 -19.61 2.10
C CYS D 29 2.79 -19.01 3.11
N LEU D 30 4.08 -19.21 2.87
CA LEU D 30 5.11 -18.73 3.80
C LEU D 30 5.27 -17.21 3.76
N VAL D 31 4.58 -16.56 2.82
CA VAL D 31 4.65 -15.12 2.70
C VAL D 31 3.43 -14.43 3.30
N CYS D 32 2.26 -14.65 2.71
CA CYS D 32 1.03 -13.99 3.17
C CYS D 32 0.10 -14.84 4.06
N SER D 33 0.48 -16.09 4.33
CA SER D 33 -0.30 -17.00 5.17
C SER D 33 -1.62 -17.48 4.54
N ASP D 34 -1.91 -17.02 3.32
CA ASP D 34 -3.03 -17.54 2.56
C ASP D 34 -2.77 -19.00 2.17
N GLU D 35 -3.81 -19.72 1.77
CA GLU D 35 -3.64 -21.13 1.38
C GLU D 35 -2.59 -21.28 0.27
N ALA D 36 -1.62 -22.15 0.52
CA ALA D 36 -0.55 -22.39 -0.43
C ALA D 36 -0.97 -23.37 -1.51
N SER D 37 -0.62 -23.08 -2.76
CA SER D 37 -0.99 -23.92 -3.88
C SER D 37 0.11 -24.90 -4.28
N GLY D 38 1.26 -24.81 -3.62
CA GLY D 38 2.38 -25.67 -3.93
C GLY D 38 3.73 -25.03 -3.69
N CYS D 39 4.78 -25.68 -4.17
CA CYS D 39 6.14 -25.19 -4.00
C CYS D 39 6.56 -24.36 -5.21
N HIS D 40 6.72 -23.05 -5.01
CA HIS D 40 7.00 -22.15 -6.12
C HIS D 40 8.30 -21.38 -5.90
N TYR D 41 9.22 -21.53 -6.84
CA TYR D 41 10.54 -20.91 -6.79
C TYR D 41 11.27 -21.27 -5.49
N GLY D 42 11.06 -22.50 -5.03
CA GLY D 42 11.77 -23.02 -3.87
C GLY D 42 11.01 -22.96 -2.56
N VAL D 43 9.92 -22.21 -2.53
CA VAL D 43 9.19 -21.97 -1.30
C VAL D 43 7.70 -22.26 -1.45
N LEU D 44 7.10 -22.86 -0.41
CA LEU D 44 5.66 -23.06 -0.40
C LEU D 44 4.96 -21.70 -0.39
N THR D 45 4.13 -21.45 -1.40
CA THR D 45 3.46 -20.15 -1.55
C THR D 45 2.09 -20.28 -2.20
N CYS D 46 1.27 -19.24 -2.05
CA CYS D 46 0.04 -19.12 -2.81
C CYS D 46 0.35 -18.70 -4.24
N GLY D 47 -0.60 -18.91 -5.15
CA GLY D 47 -0.42 -18.50 -6.54
C GLY D 47 -0.15 -17.03 -6.73
N SER D 48 -0.79 -16.18 -5.93
CA SER D 48 -0.65 -14.74 -6.05
C SER D 48 0.78 -14.29 -5.72
N CYS D 49 1.35 -14.85 -4.65
CA CYS D 49 2.71 -14.51 -4.26
C CYS D 49 3.73 -15.05 -5.26
N LYS D 50 3.38 -16.15 -5.91
CA LYS D 50 4.23 -16.72 -6.96
C LYS D 50 4.40 -15.73 -8.10
N VAL D 51 3.29 -15.24 -8.63
CA VAL D 51 3.32 -14.35 -9.78
C VAL D 51 3.80 -12.95 -9.40
N PHE D 52 3.58 -12.56 -8.14
CA PHE D 52 4.09 -11.28 -7.66
C PHE D 52 5.62 -11.29 -7.69
N PHE D 53 6.21 -12.33 -7.12
CA PHE D 53 7.66 -12.46 -7.05
C PHE D 53 8.28 -12.47 -8.45
N LYS D 54 7.72 -13.30 -9.33
CA LYS D 54 8.16 -13.36 -10.72
C LYS D 54 8.15 -11.98 -11.36
N ARG D 55 7.03 -11.28 -11.22
CA ARG D 55 6.89 -9.93 -11.76
C ARG D 55 7.85 -8.93 -11.13
N ALA D 56 8.14 -9.11 -9.85
CA ALA D 56 9.00 -8.16 -9.12
C ALA D 56 10.46 -8.26 -9.57
N VAL D 57 10.95 -9.49 -9.68
CA VAL D 57 12.33 -9.73 -10.12
C VAL D 57 12.49 -9.30 -11.57
N GLU D 58 11.53 -9.73 -12.40
CA GLU D 58 11.45 -9.40 -13.81
C GLU D 58 11.34 -7.90 -14.07
N GLY D 59 10.75 -7.19 -13.11
CA GLY D 59 10.11 -5.91 -13.37
C GLY D 59 10.73 -4.58 -12.98
N GLN D 60 12.05 -4.50 -12.79
CA GLN D 60 12.73 -3.21 -12.60
C GLN D 60 12.41 -2.54 -11.25
N HIS D 61 11.40 -3.08 -10.56
CA HIS D 61 10.71 -2.35 -9.49
C HIS D 61 11.60 -1.82 -8.37
N ASN D 62 11.50 -0.51 -8.14
CA ASN D 62 11.99 0.11 -6.92
C ASN D 62 10.80 0.28 -5.99
N TYR D 63 10.80 -0.49 -4.91
CA TYR D 63 9.70 -0.44 -3.96
C TYR D 63 10.09 0.40 -2.74
N LEU D 64 9.14 1.17 -2.24
CA LEU D 64 9.39 1.95 -1.03
C LEU D 64 8.27 1.74 -0.01
N CYS D 65 8.65 1.25 1.17
CA CYS D 65 7.72 1.12 2.28
C CYS D 65 7.39 2.49 2.84
N ALA D 66 6.11 2.71 3.15
CA ALA D 66 5.67 3.96 3.76
C ALA D 66 5.82 3.86 5.28
N GLY D 67 6.11 2.64 5.72
CA GLY D 67 6.28 2.32 7.13
C GLY D 67 7.72 2.18 7.57
N ARG D 68 7.93 1.23 8.48
CA ARG D 68 9.23 0.92 9.06
C ARG D 68 9.94 -0.30 8.43
N ASN D 69 9.39 -0.81 7.32
CA ASN D 69 9.78 -2.08 6.70
C ASN D 69 9.44 -3.28 7.59
N ASP D 70 8.54 -3.08 8.56
CA ASP D 70 7.99 -4.16 9.38
C ASP D 70 6.56 -4.57 9.02
N CYS D 71 6.02 -4.07 7.91
CA CYS D 71 4.60 -4.22 7.57
C CYS D 71 4.05 -5.65 7.69
N ILE D 72 2.82 -5.74 8.22
CA ILE D 72 2.07 -6.99 8.26
C ILE D 72 1.66 -7.42 6.85
N ILE D 73 2.05 -8.63 6.46
CA ILE D 73 1.67 -9.15 5.15
C ILE D 73 0.76 -10.36 5.28
N ASP D 74 -0.50 -10.18 4.90
CA ASP D 74 -1.46 -11.27 4.89
C ASP D 74 -2.33 -11.18 3.65
N LYS D 75 -3.35 -12.02 3.57
CA LYS D 75 -4.23 -12.09 2.39
C LYS D 75 -4.76 -10.73 1.95
N ILE D 76 -5.19 -9.92 2.92
CA ILE D 76 -5.70 -8.59 2.62
C ILE D 76 -4.61 -7.52 2.44
N ARG D 77 -3.62 -7.52 3.34
CA ARG D 77 -2.66 -6.42 3.42
C ARG D 77 -1.46 -6.56 2.49
N ARG D 78 -1.32 -7.71 1.84
CA ARG D 78 -0.19 -7.94 0.95
C ARG D 78 -0.17 -6.97 -0.22
N LYS D 79 -1.34 -6.44 -0.57
CA LYS D 79 -1.45 -5.46 -1.65
C LYS D 79 -0.85 -4.12 -1.27
N ASN D 80 -0.89 -3.82 0.03
CA ASN D 80 -0.48 -2.50 0.53
C ASN D 80 0.99 -2.19 0.29
N CYS D 81 1.86 -3.14 0.62
CA CYS D 81 3.29 -2.87 0.60
C CYS D 81 4.08 -3.95 -0.13
N PRO D 82 4.27 -3.76 -1.45
CA PRO D 82 5.09 -4.67 -2.25
C PRO D 82 6.54 -4.71 -1.77
N ALA D 83 6.98 -3.63 -1.11
CA ALA D 83 8.33 -3.58 -0.56
C ALA D 83 8.56 -4.67 0.48
N CYS D 84 7.68 -4.72 1.48
CA CYS D 84 7.78 -5.72 2.54
C CYS D 84 7.40 -7.10 2.03
N ARG D 85 6.48 -7.15 1.06
CA ARG D 85 6.07 -8.42 0.48
C ARG D 85 7.24 -9.06 -0.26
N TYR D 86 7.95 -8.25 -1.04
CA TYR D 86 9.11 -8.72 -1.79
C TYR D 86 10.23 -9.13 -0.85
N ARG D 87 10.43 -8.37 0.23
CA ARG D 87 11.44 -8.70 1.22
C ARG D 87 11.14 -10.06 1.86
N LYS D 88 9.88 -10.29 2.18
CA LYS D 88 9.47 -11.56 2.78
C LYS D 88 9.65 -12.72 1.80
N CYS D 89 9.49 -12.45 0.51
CA CYS D 89 9.75 -13.45 -0.52
C CYS D 89 11.22 -13.87 -0.48
N LEU D 90 12.10 -12.89 -0.41
CA LEU D 90 13.53 -13.14 -0.39
C LEU D 90 13.96 -13.81 0.91
N GLN D 91 13.43 -13.33 2.03
CA GLN D 91 13.77 -13.89 3.34
C GLN D 91 13.32 -15.33 3.47
N ALA D 92 12.24 -15.68 2.78
CA ALA D 92 11.74 -17.05 2.79
C ALA D 92 12.57 -17.95 1.88
N GLY D 93 13.38 -17.34 1.03
CA GLY D 93 14.28 -18.09 0.17
C GLY D 93 13.83 -18.25 -1.27
N MET D 94 12.82 -17.48 -1.68
CA MET D 94 12.33 -17.53 -3.06
C MET D 94 13.40 -17.05 -4.04
N ASN D 95 13.65 -17.84 -5.07
CA ASN D 95 14.57 -17.45 -6.13
C ASN D 95 14.22 -18.13 -7.46
N LEU D 96 14.51 -17.45 -8.56
CA LEU D 96 14.24 -17.99 -9.90
C LEU D 96 15.09 -19.24 -10.17
N GLU D 97 16.19 -19.37 -9.43
CA GLU D 97 17.04 -20.55 -9.49
C GLU D 97 16.61 -21.52 -8.39
N ALA D 98 16.00 -22.64 -8.79
CA ALA D 98 15.48 -23.62 -7.83
C ALA D 98 15.04 -24.89 -8.55
ZN ZN E . -2.09 15.51 -2.01
ZN ZN F . -0.67 3.16 7.03
ZN ZN G . 6.12 -2.05 4.40
ZN ZN H . 0.96 -15.70 -0.48
#